data_5FBE
#
_entry.id   5FBE
#
_cell.length_a   55.400
_cell.length_b   50.000
_cell.length_c   39.358
_cell.angle_alpha   90.00
_cell.angle_beta   105.75
_cell.angle_gamma   90.00
#
_symmetry.space_group_name_H-M   'P 1 21 1'
#
loop_
_entity.id
_entity.type
_entity.pdbx_description
1 polymer 'Complement factor D'
2 non-polymer GLYCEROL
3 non-polymer 'methyl 2-[[[(2~{S})-2-[[3-(trifluoromethyloxy)phenyl]carbamoyl]pyrrolidin-1-yl]carbonylamino]methyl]benzoate'
4 water water
#
_entity_poly.entity_id   1
_entity_poly.type   'polypeptide(L)'
_entity_poly.pdbx_seq_one_letter_code
;ILGGREAEAHARPYMASVQLNGAHLCGGVLVAEQWVLSAAHCLEDAADGKVQVLLGAHSLSQPEPSKRLYDVLRAVPHPD
SQPDTIDHDLLLLQLSEKATLGPAVRPLPWQRVDRDVAPGTLCDVAGWGIVNHAGRRPDSLQHVLLPVLDRATCNRRTHH
DGAITERLMCAESNRRDSCKGDSGGPLVCGGVLEGVVTSGSRVCGNRKKPGIYTRVASYAAWIDSVLASAAA
;
_entity_poly.pdbx_strand_id   A
#
loop_
_chem_comp.id
_chem_comp.type
_chem_comp.name
_chem_comp.formula
5W5 non-polymer 'methyl 2-[[[(2~{S})-2-[[3-(trifluoromethyloxy)phenyl]carbamoyl]pyrrolidin-1-yl]carbonylamino]methyl]benzoate' 'C22 H22 F3 N3 O5'
GOL non-polymer GLYCEROL 'C3 H8 O3'
#
# COMPACT_ATOMS: atom_id res chain seq x y z
N ILE A 1 -8.81 6.90 1.79
CA ILE A 1 -8.23 8.05 1.11
C ILE A 1 -9.05 9.27 1.48
N LEU A 2 -8.38 10.34 1.92
CA LEU A 2 -9.07 11.59 2.28
C LEU A 2 -8.78 12.60 1.20
N GLY A 3 -9.80 13.34 0.81
CA GLY A 3 -9.66 14.39 -0.20
C GLY A 3 -9.38 13.93 -1.62
N GLY A 4 -9.67 12.67 -1.89
CA GLY A 4 -9.45 12.08 -3.20
C GLY A 4 -10.71 12.02 -4.01
N ARG A 5 -10.72 11.10 -4.99
N ARG A 5 -10.76 11.06 -4.93
CA ARG A 5 -11.82 10.86 -5.93
CA ARG A 5 -11.89 10.83 -5.84
C ARG A 5 -11.93 9.37 -6.26
C ARG A 5 -12.02 9.34 -6.07
N GLU A 6 -13.12 8.92 -6.68
CA GLU A 6 -13.33 7.54 -7.05
C GLU A 6 -12.38 7.23 -8.21
N ALA A 7 -11.62 6.12 -8.10
CA ALA A 7 -10.68 5.75 -9.15
C ALA A 7 -11.43 5.22 -10.40
N GLU A 8 -10.78 5.31 -11.56
CA GLU A 8 -11.35 4.73 -12.79
C GLU A 8 -11.31 3.21 -12.61
N ALA A 9 -12.46 2.54 -12.74
CA ALA A 9 -12.54 1.10 -12.52
C ALA A 9 -11.52 0.33 -13.34
N HIS A 10 -10.67 -0.49 -12.64
CA HIS A 10 -9.70 -1.40 -13.26
C HIS A 10 -8.53 -0.71 -13.95
N ALA A 11 -8.35 0.62 -13.73
CA ALA A 11 -7.23 1.36 -14.36
C ALA A 11 -5.90 1.13 -13.61
N ARG A 12 -5.96 0.52 -12.41
CA ARG A 12 -4.77 0.19 -11.60
C ARG A 12 -4.86 -1.32 -11.37
N PRO A 13 -4.47 -2.15 -12.38
CA PRO A 13 -4.70 -3.61 -12.30
C PRO A 13 -3.85 -4.33 -11.28
N TYR A 14 -2.90 -3.60 -10.69
CA TYR A 14 -2.01 -4.14 -9.67
C TYR A 14 -2.64 -4.00 -8.29
N MET A 15 -3.73 -3.25 -8.14
N MET A 15 -3.79 -3.32 -8.17
CA MET A 15 -4.27 -2.96 -6.82
CA MET A 15 -4.36 -3.10 -6.86
C MET A 15 -4.96 -4.16 -6.18
C MET A 15 -4.86 -4.34 -6.21
N ALA A 16 -4.57 -4.48 -4.92
CA ALA A 16 -5.10 -5.60 -4.17
C ALA A 16 -5.81 -5.12 -2.93
N SER A 17 -6.88 -5.82 -2.56
CA SER A 17 -7.51 -5.63 -1.24
C SER A 17 -7.09 -6.86 -0.38
N VAL A 18 -6.41 -6.62 0.72
CA VAL A 18 -5.99 -7.67 1.66
C VAL A 18 -7.13 -7.74 2.65
N GLN A 19 -7.73 -8.93 2.72
CA GLN A 19 -8.95 -9.14 3.52
C GLN A 19 -8.73 -10.10 4.67
N LEU A 20 -9.45 -9.82 5.76
CA LEU A 20 -9.36 -10.71 6.92
C LEU A 20 -10.78 -11.07 7.28
N ASN A 21 -11.09 -12.37 7.24
CA ASN A 21 -12.43 -12.91 7.51
C ASN A 21 -13.47 -12.26 6.61
N GLY A 22 -13.11 -12.09 5.33
CA GLY A 22 -14.01 -11.52 4.32
C GLY A 22 -14.20 -10.01 4.29
N ALA A 23 -13.46 -9.24 5.11
CA ALA A 23 -13.60 -7.78 5.11
C ALA A 23 -12.27 -7.15 4.72
N HIS A 24 -12.34 -6.06 3.97
CA HIS A 24 -11.16 -5.30 3.59
C HIS A 24 -10.45 -4.86 4.85
N LEU A 25 -9.13 -5.11 4.88
CA LEU A 25 -8.30 -4.72 6.00
C LEU A 25 -7.23 -3.72 5.56
N CYS A 26 -6.51 -4.04 4.48
CA CYS A 26 -5.36 -3.24 4.03
C CYS A 26 -5.33 -3.25 2.55
N GLY A 27 -4.60 -2.30 2.00
CA GLY A 27 -4.31 -2.33 0.57
C GLY A 27 -3.09 -3.26 0.37
N GLY A 28 -2.83 -3.54 -0.90
CA GLY A 28 -1.68 -4.34 -1.29
C GLY A 28 -1.42 -4.07 -2.74
N VAL A 29 -0.29 -4.58 -3.22
N VAL A 29 -0.27 -4.62 -3.21
CA VAL A 29 0.10 -4.38 -4.61
CA VAL A 29 0.20 -4.42 -4.58
C VAL A 29 0.65 -5.67 -5.18
C VAL A 29 0.65 -5.73 -5.17
N LEU A 30 0.10 -6.10 -6.32
CA LEU A 30 0.57 -7.31 -7.00
C LEU A 30 1.94 -6.96 -7.62
N VAL A 31 3.00 -7.64 -7.16
CA VAL A 31 4.37 -7.34 -7.63
C VAL A 31 4.97 -8.45 -8.45
N ALA A 32 4.31 -9.61 -8.44
CA ALA A 32 4.74 -10.75 -9.26
C ALA A 32 3.49 -11.57 -9.47
N GLU A 33 3.54 -12.58 -10.35
CA GLU A 33 2.31 -13.33 -10.59
C GLU A 33 1.69 -13.99 -9.34
N GLN A 34 2.50 -14.40 -8.38
CA GLN A 34 2.00 -15.08 -7.20
C GLN A 34 2.22 -14.31 -5.90
N TRP A 35 2.57 -13.00 -5.97
CA TRP A 35 2.98 -12.31 -4.76
C TRP A 35 2.39 -10.94 -4.67
N VAL A 36 1.84 -10.65 -3.48
CA VAL A 36 1.28 -9.32 -3.19
C VAL A 36 2.11 -8.71 -2.05
N LEU A 37 2.51 -7.45 -2.24
CA LEU A 37 3.24 -6.72 -1.23
C LEU A 37 2.30 -5.80 -0.45
N SER A 38 2.39 -5.81 0.87
CA SER A 38 1.55 -5.00 1.73
C SER A 38 2.40 -4.57 2.96
N ALA A 39 1.75 -4.18 4.05
CA ALA A 39 2.43 -3.72 5.27
C ALA A 39 2.35 -4.77 6.34
N ALA A 40 3.45 -4.92 7.09
CA ALA A 40 3.53 -5.92 8.16
C ALA A 40 2.52 -5.75 9.29
N HIS A 41 2.22 -4.51 9.74
CA HIS A 41 1.27 -4.34 10.85
C HIS A 41 -0.12 -4.82 10.48
N CYS A 42 -0.38 -4.98 9.15
CA CYS A 42 -1.70 -5.46 8.71
C CYS A 42 -2.05 -6.79 9.32
N LEU A 43 -1.09 -7.70 9.44
CA LEU A 43 -1.48 -9.00 9.93
C LEU A 43 -1.14 -9.25 11.40
N GLU A 44 -1.02 -8.17 12.20
CA GLU A 44 -0.84 -8.27 13.65
C GLU A 44 -2.14 -8.72 14.29
N ASP A 45 -2.08 -9.65 15.27
CA ASP A 45 -3.25 -10.19 15.97
C ASP A 45 -4.29 -10.79 15.00
N ALA A 46 -3.87 -11.07 13.74
CA ALA A 46 -4.73 -11.67 12.73
C ALA A 46 -4.64 -13.19 12.89
N ALA A 47 -3.71 -13.65 13.76
CA ALA A 47 -3.41 -15.06 14.07
C ALA A 47 -4.64 -15.91 14.28
N ASP A 48 -4.88 -16.79 13.28
CA ASP A 48 -5.95 -17.78 13.07
C ASP A 48 -6.95 -17.33 12.00
N GLY A 49 -7.17 -16.02 11.90
CA GLY A 49 -8.08 -15.39 10.95
C GLY A 49 -7.76 -15.73 9.52
N LYS A 50 -8.77 -15.72 8.65
CA LYS A 50 -8.54 -16.09 7.28
C LYS A 50 -8.12 -14.86 6.48
N VAL A 51 -6.91 -14.90 5.95
CA VAL A 51 -6.34 -13.83 5.11
C VAL A 51 -6.51 -14.23 3.66
N GLN A 52 -7.10 -13.33 2.86
CA GLN A 52 -7.28 -13.55 1.44
C GLN A 52 -6.90 -12.26 0.71
N VAL A 53 -6.71 -12.37 -0.61
CA VAL A 53 -6.37 -11.21 -1.42
C VAL A 53 -7.36 -11.15 -2.55
N LEU A 54 -8.04 -9.99 -2.65
CA LEU A 54 -8.96 -9.75 -3.72
C LEU A 54 -8.24 -8.97 -4.84
N LEU A 55 -8.18 -9.57 -6.04
CA LEU A 55 -7.56 -8.94 -7.20
C LEU A 55 -8.65 -8.64 -8.22
N GLY A 56 -8.34 -7.73 -9.13
CA GLY A 56 -9.21 -7.33 -10.22
C GLY A 56 -10.45 -6.58 -9.81
N ALA A 57 -10.46 -6.03 -8.58
CA ALA A 57 -11.65 -5.37 -8.07
C ALA A 57 -11.70 -3.89 -8.28
N HIS A 58 -12.93 -3.38 -8.31
CA HIS A 58 -13.20 -1.96 -8.19
C HIS A 58 -14.12 -1.83 -7.01
N SER A 59 -15.31 -2.48 -7.06
CA SER A 59 -16.21 -2.55 -5.95
C SER A 59 -15.78 -3.72 -5.03
N LEU A 60 -15.86 -3.53 -3.70
CA LEU A 60 -15.60 -4.63 -2.80
C LEU A 60 -16.79 -5.58 -2.75
N SER A 61 -18.00 -5.08 -3.01
CA SER A 61 -19.19 -5.90 -2.80
C SER A 61 -19.90 -6.43 -4.02
N GLN A 62 -19.75 -5.75 -5.18
N GLN A 62 -19.69 -5.82 -5.17
CA GLN A 62 -20.46 -6.07 -6.43
CA GLN A 62 -20.46 -6.18 -6.35
C GLN A 62 -19.75 -7.09 -7.31
C GLN A 62 -19.75 -7.10 -7.32
N PRO A 63 -20.49 -7.96 -8.04
CA PRO A 63 -19.82 -8.89 -8.97
C PRO A 63 -19.22 -8.15 -10.15
N GLU A 64 -17.99 -8.54 -10.48
CA GLU A 64 -17.25 -8.00 -11.61
C GLU A 64 -16.54 -9.18 -12.28
N PRO A 65 -16.53 -9.27 -13.63
CA PRO A 65 -15.91 -10.44 -14.28
C PRO A 65 -14.44 -10.69 -13.92
N SER A 66 -13.67 -9.62 -13.65
CA SER A 66 -12.25 -9.71 -13.33
C SER A 66 -11.95 -9.98 -11.86
N LYS A 67 -12.94 -9.86 -10.96
CA LYS A 67 -12.75 -10.06 -9.52
C LYS A 67 -12.46 -11.48 -9.17
N ARG A 68 -11.40 -11.69 -8.40
CA ARG A 68 -11.12 -13.03 -7.98
C ARG A 68 -10.47 -12.94 -6.62
N LEU A 69 -10.96 -13.76 -5.70
CA LEU A 69 -10.46 -13.88 -4.35
C LEU A 69 -9.50 -15.03 -4.28
N TYR A 70 -8.29 -14.74 -3.85
CA TYR A 70 -7.25 -15.73 -3.71
C TYR A 70 -6.99 -16.03 -2.25
N ASP A 71 -6.76 -17.32 -1.96
CA ASP A 71 -6.29 -17.70 -0.67
C ASP A 71 -4.76 -17.43 -0.64
N VAL A 72 -4.23 -17.36 0.57
CA VAL A 72 -2.82 -17.08 0.81
C VAL A 72 -2.13 -18.35 1.32
N LEU A 73 -1.08 -18.77 0.65
CA LEU A 73 -0.28 -19.95 1.01
C LEU A 73 0.67 -19.60 2.16
N ARG A 74 1.33 -18.42 2.07
CA ARG A 74 2.28 -17.97 3.08
C ARG A 74 2.18 -16.47 3.25
N ALA A 75 2.28 -16.01 4.49
CA ALA A 75 2.36 -14.59 4.83
C ALA A 75 3.75 -14.41 5.40
N VAL A 76 4.57 -13.54 4.77
CA VAL A 76 5.97 -13.34 5.14
C VAL A 76 6.18 -11.86 5.56
N PRO A 77 6.12 -11.57 6.87
CA PRO A 77 6.44 -10.22 7.32
C PRO A 77 7.95 -10.02 7.33
N HIS A 78 8.39 -8.77 7.11
CA HIS A 78 9.82 -8.48 7.17
C HIS A 78 10.35 -8.93 8.55
N PRO A 79 11.48 -9.69 8.59
CA PRO A 79 11.98 -10.18 9.89
C PRO A 79 12.35 -9.13 10.91
N ASP A 80 12.62 -7.89 10.49
CA ASP A 80 13.00 -6.82 11.42
C ASP A 80 11.80 -5.96 11.81
N SER A 81 10.59 -6.28 11.30
CA SER A 81 9.42 -5.51 11.69
C SER A 81 9.05 -5.79 13.15
N GLN A 82 8.46 -4.78 13.83
CA GLN A 82 8.10 -4.88 15.24
C GLN A 82 6.80 -4.15 15.48
N PRO A 83 5.96 -4.61 16.43
CA PRO A 83 4.68 -3.90 16.69
C PRO A 83 4.75 -2.42 17.03
N ASP A 84 5.79 -1.99 17.76
CA ASP A 84 5.84 -0.58 18.18
C ASP A 84 6.73 0.30 17.32
N THR A 85 7.00 -0.09 16.06
CA THR A 85 7.85 0.77 15.22
C THR A 85 7.25 0.89 13.84
N ILE A 86 7.67 1.91 13.11
CA ILE A 86 7.24 2.11 11.73
C ILE A 86 8.26 1.51 10.74
N ASP A 87 9.37 0.95 11.24
CA ASP A 87 10.45 0.50 10.39
C ASP A 87 10.23 -0.89 9.81
N HIS A 88 10.72 -1.08 8.57
CA HIS A 88 10.67 -2.41 7.91
C HIS A 88 9.23 -2.94 7.84
N ASP A 89 8.29 -2.02 7.55
CA ASP A 89 6.87 -2.35 7.61
C ASP A 89 6.35 -2.95 6.32
N LEU A 90 6.89 -4.09 5.96
CA LEU A 90 6.52 -4.76 4.72
C LEU A 90 6.13 -6.19 4.97
N LEU A 91 5.22 -6.68 4.11
CA LEU A 91 4.65 -8.01 4.19
C LEU A 91 4.49 -8.56 2.80
N LEU A 92 4.95 -9.77 2.57
CA LEU A 92 4.75 -10.41 1.29
C LEU A 92 3.78 -11.56 1.44
N LEU A 93 2.74 -11.57 0.63
CA LEU A 93 1.74 -12.61 0.66
C LEU A 93 1.85 -13.45 -0.60
N GLN A 94 2.12 -14.76 -0.42
CA GLN A 94 2.17 -15.68 -1.54
C GLN A 94 0.79 -16.21 -1.77
N LEU A 95 0.24 -15.96 -2.95
CA LEU A 95 -1.10 -16.44 -3.30
C LEU A 95 -1.08 -17.96 -3.45
N SER A 96 -2.27 -18.57 -3.29
N SER A 96 -2.21 -18.64 -3.25
CA SER A 96 -2.54 -20.02 -3.42
CA SER A 96 -2.20 -20.10 -3.40
C SER A 96 -2.10 -20.57 -4.76
C SER A 96 -1.83 -20.56 -4.81
N GLU A 97 -2.11 -19.72 -5.82
CA GLU A 97 -1.65 -20.03 -7.17
C GLU A 97 -1.34 -18.72 -7.83
N LYS A 98 -0.64 -18.79 -8.98
CA LYS A 98 -0.36 -17.61 -9.75
C LYS A 98 -1.68 -16.97 -10.17
N ALA A 99 -1.72 -15.64 -10.12
CA ALA A 99 -2.91 -14.92 -10.48
C ALA A 99 -3.18 -15.05 -11.99
N THR A 100 -4.47 -15.11 -12.34
CA THR A 100 -4.87 -15.07 -13.74
C THR A 100 -4.71 -13.62 -14.19
N LEU A 101 -3.81 -13.38 -15.12
CA LEU A 101 -3.53 -12.03 -15.61
C LEU A 101 -4.45 -11.63 -16.74
N GLY A 102 -4.66 -10.34 -16.88
CA GLY A 102 -5.52 -9.80 -17.92
C GLY A 102 -5.51 -8.29 -17.84
N PRO A 103 -6.37 -7.60 -18.61
CA PRO A 103 -6.35 -6.13 -18.56
C PRO A 103 -6.62 -5.56 -17.16
N ALA A 104 -7.34 -6.31 -16.30
CA ALA A 104 -7.67 -5.82 -14.97
C ALA A 104 -6.82 -6.40 -13.83
N VAL A 105 -5.88 -7.31 -14.16
CA VAL A 105 -5.02 -7.97 -13.16
C VAL A 105 -3.63 -8.07 -13.76
N ARG A 106 -2.69 -7.26 -13.27
CA ARG A 106 -1.35 -7.28 -13.81
C ARG A 106 -0.36 -6.76 -12.74
N PRO A 107 0.79 -7.40 -12.56
CA PRO A 107 1.75 -6.87 -11.59
C PRO A 107 2.31 -5.51 -12.01
N LEU A 108 2.69 -4.71 -11.03
CA LEU A 108 3.23 -3.40 -11.26
C LEU A 108 4.75 -3.49 -11.22
N PRO A 109 5.48 -2.90 -12.20
CA PRO A 109 6.94 -2.79 -12.06
C PRO A 109 7.32 -1.99 -10.82
N TRP A 110 8.35 -2.44 -10.10
CA TRP A 110 8.72 -1.80 -8.87
C TRP A 110 10.17 -1.36 -8.88
N GLN A 111 10.44 -0.28 -8.13
CA GLN A 111 11.75 0.36 -8.12
C GLN A 111 12.84 -0.44 -7.46
N ARG A 112 13.89 -0.75 -8.24
N ARG A 112 13.92 -0.71 -8.17
CA ARG A 112 15.02 -1.54 -7.79
CA ARG A 112 15.03 -1.42 -7.53
C ARG A 112 16.31 -0.73 -7.61
C ARG A 112 16.22 -0.53 -7.28
N VAL A 113 16.32 0.56 -8.00
CA VAL A 113 17.47 1.47 -7.88
C VAL A 113 17.22 2.29 -6.62
N ASP A 114 18.12 2.17 -5.65
CA ASP A 114 17.96 2.84 -4.38
C ASP A 114 18.42 4.31 -4.44
N ARG A 115 17.56 5.14 -5.01
CA ARG A 115 17.74 6.59 -5.11
C ARG A 115 16.39 7.20 -4.78
N ASP A 116 16.41 8.31 -4.06
CA ASP A 116 15.19 8.98 -3.62
C ASP A 116 14.38 9.56 -4.76
N VAL A 117 13.05 9.52 -4.60
CA VAL A 117 12.17 10.17 -5.56
C VAL A 117 12.35 11.68 -5.30
N ALA A 118 12.47 12.47 -6.37
CA ALA A 118 12.66 13.90 -6.20
C ALA A 118 11.48 14.56 -5.47
N PRO A 119 11.76 15.51 -4.55
CA PRO A 119 10.65 16.25 -3.93
C PRO A 119 9.79 16.93 -4.98
N GLY A 120 8.50 16.97 -4.73
CA GLY A 120 7.55 17.55 -5.63
C GLY A 120 7.00 16.63 -6.68
N THR A 121 7.62 15.44 -6.88
CA THR A 121 7.11 14.48 -7.85
C THR A 121 5.68 14.12 -7.46
N LEU A 122 4.81 14.09 -8.47
CA LEU A 122 3.42 13.75 -8.24
C LEU A 122 3.25 12.25 -8.29
N CYS A 123 2.84 11.66 -7.17
CA CYS A 123 2.63 10.21 -7.12
C CYS A 123 1.20 9.88 -6.79
N ASP A 124 0.79 8.68 -7.14
CA ASP A 124 -0.60 8.27 -6.95
C ASP A 124 -0.69 7.22 -5.88
N VAL A 125 -1.65 7.38 -4.97
N VAL A 125 -1.65 7.38 -4.99
CA VAL A 125 -1.94 6.41 -3.91
CA VAL A 125 -1.95 6.42 -3.93
C VAL A 125 -3.44 6.09 -3.93
C VAL A 125 -3.42 6.05 -4.15
N ALA A 126 -3.76 4.79 -3.93
CA ALA A 126 -5.13 4.32 -4.05
C ALA A 126 -5.46 3.39 -2.90
N GLY A 127 -6.73 3.32 -2.56
CA GLY A 127 -7.16 2.45 -1.49
C GLY A 127 -8.65 2.47 -1.21
N TRP A 128 -9.04 1.53 -0.36
CA TRP A 128 -10.42 1.40 0.12
C TRP A 128 -10.52 1.87 1.58
N GLY A 129 -9.55 2.67 2.02
CA GLY A 129 -9.56 3.19 3.38
C GLY A 129 -10.64 4.22 3.64
N ILE A 130 -10.75 4.67 4.90
CA ILE A 130 -11.78 5.65 5.27
C ILE A 130 -11.66 6.93 4.48
N VAL A 131 -12.82 7.57 4.26
CA VAL A 131 -12.87 8.78 3.44
C VAL A 131 -13.24 10.04 4.23
N ASN A 132 -13.53 9.93 5.56
CA ASN A 132 -13.83 11.11 6.34
C ASN A 132 -13.56 10.81 7.81
N HIS A 133 -13.65 11.82 8.65
CA HIS A 133 -13.35 11.70 10.06
C HIS A 133 -14.32 10.81 10.82
N ALA A 134 -15.56 10.61 10.33
CA ALA A 134 -16.50 9.70 10.96
C ALA A 134 -16.12 8.25 10.69
N GLY A 135 -15.25 8.00 9.71
CA GLY A 135 -14.86 6.64 9.39
C GLY A 135 -15.63 5.97 8.26
N ARG A 136 -16.32 6.76 7.40
CA ARG A 136 -17.06 6.15 6.30
C ARG A 136 -16.10 5.35 5.40
N ARG A 137 -16.51 4.12 5.06
CA ARG A 137 -15.73 3.19 4.21
C ARG A 137 -16.38 3.20 2.83
N PRO A 138 -15.58 3.45 1.80
CA PRO A 138 -16.11 3.42 0.44
C PRO A 138 -16.27 1.99 -0.08
N ASP A 139 -17.26 1.76 -0.93
CA ASP A 139 -17.37 0.44 -1.53
C ASP A 139 -16.38 0.32 -2.70
N SER A 140 -16.04 1.45 -3.39
CA SER A 140 -15.17 1.36 -4.52
C SER A 140 -13.83 2.07 -4.28
N LEU A 141 -12.86 1.66 -5.11
CA LEU A 141 -11.51 2.15 -4.98
C LEU A 141 -11.41 3.66 -5.15
N GLN A 142 -10.72 4.32 -4.22
CA GLN A 142 -10.48 5.78 -4.27
C GLN A 142 -9.02 6.03 -4.56
N HIS A 143 -8.67 7.25 -5.01
CA HIS A 143 -7.28 7.57 -5.19
C HIS A 143 -7.03 9.04 -5.01
N VAL A 144 -5.79 9.40 -4.84
CA VAL A 144 -5.37 10.79 -4.73
C VAL A 144 -3.94 10.93 -5.25
N LEU A 145 -3.64 12.08 -5.88
CA LEU A 145 -2.31 12.42 -6.36
C LEU A 145 -1.68 13.31 -5.31
N LEU A 146 -0.50 12.92 -4.85
CA LEU A 146 0.20 13.60 -3.77
C LEU A 146 1.62 13.93 -4.18
N PRO A 147 2.11 15.14 -3.87
CA PRO A 147 3.52 15.43 -4.15
C PRO A 147 4.45 14.87 -3.06
N VAL A 148 5.60 14.36 -3.46
CA VAL A 148 6.61 13.87 -2.53
C VAL A 148 7.15 15.05 -1.74
N LEU A 149 7.35 14.85 -0.44
CA LEU A 149 7.87 15.86 0.44
C LEU A 149 9.31 15.49 0.76
N ASP A 150 10.25 16.45 0.65
CA ASP A 150 11.65 16.20 0.98
C ASP A 150 11.80 15.69 2.44
N ARG A 151 12.73 14.77 2.61
CA ARG A 151 12.91 14.11 3.91
C ARG A 151 13.30 15.05 5.05
N ALA A 152 14.15 16.04 4.77
CA ALA A 152 14.54 16.98 5.81
C ALA A 152 13.34 17.76 6.38
N THR A 153 12.38 18.21 5.50
CA THR A 153 11.19 18.89 6.02
C THR A 153 10.37 17.87 6.79
N CYS A 154 10.24 16.65 6.26
CA CYS A 154 9.45 15.62 6.95
C CYS A 154 9.97 15.31 8.35
N ASN A 155 11.27 15.47 8.55
CA ASN A 155 11.97 15.16 9.79
C ASN A 155 11.97 16.29 10.82
N ARG A 156 11.46 17.47 10.46
CA ARG A 156 11.42 18.63 11.40
C ARG A 156 10.64 18.25 12.64
N ARG A 157 10.97 18.91 13.79
CA ARG A 157 10.27 18.68 15.06
C ARG A 157 8.74 18.82 14.93
N THR A 158 8.28 19.83 14.15
CA THR A 158 6.87 20.12 13.87
C THR A 158 6.19 18.99 13.09
N HIS A 159 6.98 18.21 12.35
CA HIS A 159 6.46 17.13 11.52
C HIS A 159 6.71 15.77 12.16
N HIS A 160 7.60 14.94 11.61
CA HIS A 160 7.83 13.62 12.16
C HIS A 160 9.09 13.49 12.98
N ASP A 161 9.71 14.64 13.33
CA ASP A 161 10.78 14.74 14.33
C ASP A 161 11.85 13.62 14.31
N GLY A 162 12.55 13.52 13.18
CA GLY A 162 13.65 12.57 13.02
C GLY A 162 13.33 11.11 12.76
N ALA A 163 12.05 10.74 12.66
CA ALA A 163 11.66 9.33 12.48
C ALA A 163 11.83 8.83 11.05
N ILE A 164 11.98 9.76 10.08
CA ILE A 164 12.05 9.37 8.69
C ILE A 164 13.44 8.98 8.29
N THR A 165 13.72 7.66 8.27
CA THR A 165 15.02 7.17 7.88
C THR A 165 15.21 7.20 6.36
N GLU A 166 16.39 6.80 5.89
CA GLU A 166 16.65 6.72 4.47
C GLU A 166 15.78 5.66 3.79
N ARG A 167 15.17 4.77 4.57
CA ARG A 167 14.35 3.67 4.01
C ARG A 167 12.91 4.08 3.90
N LEU A 168 12.56 5.31 4.33
CA LEU A 168 11.22 5.84 4.31
C LEU A 168 11.14 7.08 3.45
N MET A 169 9.96 7.39 2.97
CA MET A 169 9.71 8.63 2.23
C MET A 169 8.40 9.24 2.73
N CYS A 170 8.20 10.51 2.38
CA CYS A 170 7.01 11.25 2.75
C CYS A 170 6.31 11.85 1.61
N ALA A 171 4.99 12.05 1.76
CA ALA A 171 4.24 12.81 0.77
C ALA A 171 3.43 13.83 1.52
N GLU A 172 3.07 14.94 0.86
CA GLU A 172 2.26 15.96 1.51
C GLU A 172 0.91 15.37 1.92
N SER A 173 0.35 15.91 3.02
CA SER A 173 -0.88 15.44 3.61
C SER A 173 -1.82 16.63 3.82
N ASN A 174 -1.83 17.61 2.91
CA ASN A 174 -2.65 18.82 3.06
C ASN A 174 -4.05 18.62 2.50
N ARG A 175 -4.95 18.11 3.36
CA ARG A 175 -6.37 17.82 3.09
C ARG A 175 -6.57 16.63 2.15
N ARG A 176 -5.47 16.18 1.50
CA ARG A 176 -5.42 15.04 0.58
C ARG A 176 -4.42 14.09 1.20
N ASP A 177 -4.80 12.81 1.44
CA ASP A 177 -3.89 11.90 2.15
C ASP A 177 -4.38 10.47 2.09
N SER A 178 -3.50 9.54 2.51
CA SER A 178 -3.88 8.17 2.72
C SER A 178 -4.37 8.10 4.17
N CYS A 179 -5.21 7.13 4.49
CA CYS A 179 -5.78 7.04 5.82
C CYS A 179 -5.98 5.59 6.24
N LYS A 180 -6.64 5.36 7.39
CA LYS A 180 -6.89 4.04 7.92
C LYS A 180 -7.50 3.12 6.86
N GLY A 181 -6.91 1.96 6.64
CA GLY A 181 -7.42 1.04 5.64
C GLY A 181 -6.68 1.15 4.32
N ASP A 182 -5.89 2.21 4.13
CA ASP A 182 -5.05 2.41 2.96
C ASP A 182 -3.64 1.85 3.19
N SER A 183 -3.31 1.50 4.45
CA SER A 183 -2.02 0.91 4.83
C SER A 183 -1.74 -0.27 3.91
N GLY A 184 -0.51 -0.43 3.47
CA GLY A 184 -0.14 -1.55 2.61
C GLY A 184 -0.31 -1.28 1.14
N GLY A 185 -1.04 -0.22 0.80
CA GLY A 185 -1.25 0.09 -0.60
C GLY A 185 -0.07 0.75 -1.26
N PRO A 186 -0.19 0.94 -2.56
CA PRO A 186 0.92 1.47 -3.35
C PRO A 186 1.01 2.96 -3.49
N LEU A 187 2.24 3.50 -3.51
CA LEU A 187 2.56 4.88 -3.89
C LEU A 187 3.31 4.74 -5.20
N VAL A 188 2.67 5.12 -6.31
CA VAL A 188 3.17 4.91 -7.65
C VAL A 188 3.66 6.23 -8.23
N CYS A 189 4.89 6.24 -8.77
CA CYS A 189 5.41 7.49 -9.34
C CYS A 189 5.90 7.12 -10.74
N GLY A 190 5.44 7.85 -11.76
CA GLY A 190 5.81 7.57 -13.14
C GLY A 190 5.62 6.13 -13.57
N GLY A 191 4.51 5.53 -13.13
CA GLY A 191 4.15 4.15 -13.47
C GLY A 191 4.96 3.05 -12.81
N VAL A 192 5.76 3.39 -11.77
CA VAL A 192 6.58 2.41 -11.09
C VAL A 192 6.27 2.50 -9.58
N LEU A 193 6.19 1.33 -8.91
CA LEU A 193 5.96 1.34 -7.48
C LEU A 193 7.17 1.92 -6.79
N GLU A 194 6.94 2.94 -5.94
CA GLU A 194 8.02 3.54 -5.16
C GLU A 194 7.88 3.29 -3.67
N GLY A 195 6.65 3.27 -3.18
CA GLY A 195 6.46 3.11 -1.75
C GLY A 195 5.24 2.30 -1.41
N VAL A 196 5.18 1.89 -0.14
CA VAL A 196 4.03 1.17 0.41
C VAL A 196 3.55 1.99 1.60
N VAL A 197 2.26 2.30 1.66
CA VAL A 197 1.73 3.07 2.77
C VAL A 197 2.06 2.39 4.07
N THR A 198 2.61 3.15 5.04
CA THR A 198 2.88 2.53 6.33
C THR A 198 1.58 2.24 7.11
N SER A 199 1.67 1.41 8.13
CA SER A 199 0.45 0.99 8.80
C SER A 199 0.33 1.45 10.26
N GLY A 200 1.22 2.34 10.66
CA GLY A 200 1.15 2.93 11.99
C GLY A 200 0.03 3.96 12.05
N SER A 201 -0.67 4.05 13.19
CA SER A 201 -1.76 5.00 13.33
C SER A 201 -1.21 6.41 13.19
N ARG A 202 -1.92 7.26 12.46
CA ARG A 202 -1.51 8.63 12.20
C ARG A 202 -2.73 9.46 11.83
N VAL A 203 -2.72 10.74 12.16
CA VAL A 203 -3.80 11.63 11.78
C VAL A 203 -3.78 11.78 10.23
N CYS A 204 -4.96 11.89 9.57
CA CYS A 204 -5.04 12.04 8.12
C CYS A 204 -5.43 13.42 7.72
N GLY A 205 -4.84 13.87 6.62
CA GLY A 205 -5.17 15.14 5.99
C GLY A 205 -4.71 16.39 6.72
N ASN A 206 -3.80 16.22 7.69
CA ASN A 206 -3.21 17.34 8.42
C ASN A 206 -1.82 17.60 7.84
N ARG A 207 -1.65 18.77 7.20
CA ARG A 207 -0.37 19.11 6.56
C ARG A 207 0.85 18.97 7.50
N LYS A 208 0.65 19.10 8.82
CA LYS A 208 1.77 19.01 9.76
C LYS A 208 2.21 17.58 10.04
N LYS A 209 1.45 16.57 9.57
CA LYS A 209 1.81 15.17 9.81
C LYS A 209 1.77 14.44 8.46
N PRO A 210 2.85 14.63 7.65
CA PRO A 210 2.89 14.01 6.32
C PRO A 210 2.66 12.51 6.27
N GLY A 211 2.21 12.03 5.13
CA GLY A 211 2.08 10.58 4.94
C GLY A 211 3.45 9.95 4.88
N ILE A 212 3.60 8.76 5.47
CA ILE A 212 4.86 8.04 5.50
C ILE A 212 4.70 6.77 4.66
N TYR A 213 5.70 6.49 3.80
CA TYR A 213 5.64 5.33 2.88
C TYR A 213 6.97 4.64 2.93
N THR A 214 6.98 3.28 2.98
CA THR A 214 8.23 2.54 2.99
C THR A 214 8.77 2.50 1.57
N ARG A 215 10.06 2.79 1.41
CA ARG A 215 10.66 2.79 0.08
C ARG A 215 10.95 1.38 -0.41
N VAL A 216 10.27 0.90 -1.46
CA VAL A 216 10.51 -0.49 -1.89
C VAL A 216 11.92 -0.72 -2.37
N ALA A 217 12.56 0.30 -2.94
CA ALA A 217 13.94 0.11 -3.46
C ALA A 217 14.88 -0.25 -2.36
N SER A 218 14.61 0.26 -1.15
N SER A 218 14.63 0.25 -1.13
CA SER A 218 15.42 0.01 0.01
CA SER A 218 15.49 -0.07 0.03
C SER A 218 15.33 -1.44 0.51
C SER A 218 15.41 -1.53 0.40
N TYR A 219 14.32 -2.19 0.02
CA TYR A 219 14.08 -3.58 0.39
C TYR A 219 14.15 -4.51 -0.78
N ALA A 220 14.81 -4.10 -1.89
CA ALA A 220 14.86 -4.94 -3.10
C ALA A 220 15.43 -6.33 -2.83
N ALA A 221 16.56 -6.42 -2.09
CA ALA A 221 17.13 -7.72 -1.80
C ALA A 221 16.24 -8.62 -0.95
N TRP A 222 15.50 -8.05 0.01
CA TRP A 222 14.61 -8.85 0.84
C TRP A 222 13.43 -9.39 0.00
N ILE A 223 12.82 -8.51 -0.81
CA ILE A 223 11.72 -8.92 -1.69
C ILE A 223 12.21 -10.09 -2.56
N ASP A 224 13.40 -9.92 -3.17
CA ASP A 224 13.97 -11.01 -3.99
C ASP A 224 14.20 -12.29 -3.24
N SER A 225 14.70 -12.18 -2.01
N SER A 225 14.71 -12.19 -2.00
CA SER A 225 14.97 -13.36 -1.22
CA SER A 225 15.00 -13.35 -1.17
C SER A 225 13.69 -14.16 -0.94
C SER A 225 13.73 -14.16 -0.85
N VAL A 226 12.62 -13.46 -0.53
CA VAL A 226 11.38 -14.15 -0.21
C VAL A 226 10.79 -14.87 -1.41
N LEU A 227 10.75 -14.19 -2.55
CA LEU A 227 10.20 -14.84 -3.72
C LEU A 227 11.03 -16.07 -4.15
N ALA A 228 12.33 -16.02 -3.92
CA ALA A 228 13.22 -17.15 -4.25
C ALA A 228 13.03 -18.31 -3.24
C1 GOL B . 13.57 12.57 -0.62
O1 GOL B . 13.76 13.75 0.13
C2 GOL B . 12.10 12.22 -0.67
O2 GOL B . 11.91 11.17 -1.61
C3 GOL B . 11.58 11.81 0.68
O3 GOL B . 10.16 11.78 0.68
C2 5W5 C . -4.05 0.70 9.19
C3 5W5 C . -6.33 -1.25 9.57
C13 5W5 C . -8.65 -1.59 8.87
C14 5W5 C . -3.92 4.04 10.00
C15 5W5 C . -9.37 -1.30 7.72
C16 5W5 C . -3.16 2.99 9.19
C18 5W5 C . -10.75 -1.11 7.82
C22 5W5 C . -3.05 -1.01 10.69
C24 5W5 C . -4.39 -2.84 9.92
C25 5W5 C . -2.93 -2.47 10.23
C26 5W5 C . -10.69 -1.60 10.21
C27 5W5 C . -4.67 6.30 10.37
C28 5W5 C . -9.31 -1.76 10.10
C29 5W5 C . -11.41 -1.28 9.06
C30 5W5 C . -4.68 3.63 11.11
N1 5W5 C . -3.98 -0.57 9.65
C4 5W5 C . -4.91 -1.59 9.17
C5 5W5 C . -11.77 0.54 6.30
N6 5W5 C . -7.25 -1.76 8.75
C7 5W5 C . -3.13 5.99 8.41
N8 5W5 C . -3.20 1.63 9.70
C9 5W5 C . -3.91 5.40 9.59
O10 5W5 C . -11.43 -0.80 6.64
O11 5W5 C . -6.55 -0.56 10.56
O12 5W5 C . -4.86 1.01 8.31
O17 5W5 C . -2.92 7.19 8.36
F19 5W5 C . -12.49 1.11 7.32
F20 5W5 C . -10.61 1.23 6.14
F21 5W5 C . -12.43 0.51 5.10
O23 5W5 C . -2.63 5.19 7.43
C31 5W5 C . -2.02 5.84 6.29
C32 5W5 C . -5.40 5.90 11.49
C33 5W5 C . -5.42 4.55 11.86
#